data_6L5D
#
_entry.id   6L5D
#
_cell.length_a   96.400
_cell.length_b   147.087
_cell.length_c   106.579
_cell.angle_alpha   90.000
_cell.angle_beta   90.000
_cell.angle_gamma   90.000
#
_symmetry.space_group_name_H-M   'C 2 2 21'
#
loop_
_entity.id
_entity.type
_entity.pdbx_description
1 polymer 'Gas vesicle protein'
2 water water
#
_entity_poly.entity_id   1
_entity_poly.type   'polypeptide(L)'
_entity_poly.pdbx_seq_one_letter_code
;MSSGLYLYGIFPDPIPETVTLQGLDSQLVYSQIIDGFTFLYSEAKQEKYLASRRNLISHEKVLEQAMHAGFRTLLPLRFG
LVVKNWETVVTQLLQPYKAQLRELFQKLAGRREVSVKIFWDSKAELQAMMDSHQDLKQKRDQMEGKALSMEEVIHIGQLI
ESNLLSRKESIIQVFFDELKPLADEVIESDPMTEDMIYNAAFLIPWENESIFSQQVESIDHKFDERLRIRYNNFTAPYTF
AQISHHHHHH
;
_entity_poly.pdbx_strand_id   A,B
#
# COMPACT_ATOMS: atom_id res chain seq x y z
N SER A 2 1.38 48.42 -5.04
CA SER A 2 2.35 47.42 -4.52
C SER A 2 1.64 46.26 -3.74
N SER A 3 0.43 45.89 -4.18
CA SER A 3 -0.15 44.63 -3.73
C SER A 3 0.47 43.54 -4.59
N GLY A 4 0.97 42.50 -3.94
CA GLY A 4 1.42 41.32 -4.64
C GLY A 4 0.28 40.31 -4.73
N LEU A 5 0.66 39.08 -5.00
CA LEU A 5 -0.26 38.02 -5.27
C LEU A 5 0.06 36.89 -4.31
N TYR A 6 -0.88 36.54 -3.46
CA TYR A 6 -0.84 35.32 -2.66
C TYR A 6 -1.36 34.19 -3.49
N LEU A 7 -0.58 33.15 -3.75
CA LEU A 7 -0.99 32.02 -4.66
C LEU A 7 -1.38 30.77 -3.85
N TYR A 8 -2.54 30.19 -4.16
CA TYR A 8 -3.06 29.07 -3.38
C TYR A 8 -2.70 27.72 -4.06
N GLY A 9 -2.85 27.64 -5.37
CA GLY A 9 -2.61 26.43 -6.08
C GLY A 9 -2.60 26.64 -7.56
N ILE A 10 -2.23 25.58 -8.29
CA ILE A 10 -2.24 25.61 -9.76
C ILE A 10 -3.08 24.45 -10.23
N PHE A 11 -3.98 24.74 -11.17
CA PHE A 11 -4.97 23.78 -11.65
C PHE A 11 -4.83 23.66 -13.16
N PRO A 12 -5.17 22.49 -13.72
CA PRO A 12 -5.16 22.32 -15.17
C PRO A 12 -6.33 22.94 -15.94
N ASP A 13 -7.47 23.23 -15.32
CA ASP A 13 -8.66 23.67 -16.09
C ASP A 13 -9.20 24.99 -15.64
N PRO A 14 -10.04 25.60 -16.48
CA PRO A 14 -10.68 26.84 -16.03
C PRO A 14 -11.55 26.63 -14.77
N ILE A 15 -11.50 27.61 -13.89
CA ILE A 15 -12.36 27.69 -12.75
C ILE A 15 -13.31 28.86 -12.93
N PRO A 16 -14.62 28.56 -13.04
CA PRO A 16 -15.56 29.66 -13.26
C PRO A 16 -15.68 30.63 -12.09
N GLU A 17 -16.22 31.82 -12.39
CA GLU A 17 -16.43 32.84 -11.38
C GLU A 17 -17.66 32.60 -10.49
N THR A 18 -18.56 31.71 -10.91
CA THR A 18 -19.64 31.25 -10.03
C THR A 18 -19.10 30.53 -8.78
N VAL A 19 -17.85 30.06 -8.85
CA VAL A 19 -17.17 29.46 -7.69
C VAL A 19 -16.67 30.62 -6.83
N THR A 20 -17.43 30.97 -5.80
CA THR A 20 -17.08 32.08 -4.90
C THR A 20 -16.19 31.55 -3.82
N LEU A 21 -15.16 32.29 -3.48
CA LEU A 21 -14.12 31.76 -2.59
C LEU A 21 -13.52 32.89 -1.82
N GLN A 22 -13.10 32.59 -0.60
CA GLN A 22 -12.59 33.63 0.27
C GLN A 22 -11.39 33.04 0.97
N GLY A 23 -10.39 33.90 1.17
CA GLY A 23 -9.04 33.44 1.53
C GLY A 23 -8.53 34.14 2.74
N LEU A 24 -7.20 34.33 2.75
CA LEU A 24 -6.50 35.06 3.79
C LEU A 24 -7.02 36.45 3.95
N ASP A 25 -7.25 36.86 5.20
CA ASP A 25 -7.79 38.18 5.54
C ASP A 25 -9.15 38.42 4.95
N SER A 26 -9.89 37.34 4.72
CA SER A 26 -11.20 37.44 4.09
C SER A 26 -11.18 38.05 2.69
N GLN A 27 -10.03 38.03 2.04
CA GLN A 27 -9.90 38.56 0.65
C GLN A 27 -10.65 37.67 -0.32
N LEU A 28 -11.17 38.21 -1.39
CA LEU A 28 -11.83 37.36 -2.38
C LEU A 28 -10.75 36.59 -3.15
N VAL A 29 -11.08 35.39 -3.60
CA VAL A 29 -10.16 34.56 -4.35
C VAL A 29 -10.54 34.50 -5.82
N TYR A 30 -9.57 34.75 -6.67
CA TYR A 30 -9.78 34.74 -8.13
C TYR A 30 -9.00 33.62 -8.80
N SER A 31 -9.42 33.32 -10.02
CA SER A 31 -8.65 32.45 -10.91
C SER A 31 -8.09 33.32 -12.02
N GLN A 32 -7.02 32.84 -12.64
CA GLN A 32 -6.31 33.58 -13.65
C GLN A 32 -5.67 32.55 -14.52
N ILE A 33 -6.16 32.44 -15.75
CA ILE A 33 -5.69 31.45 -16.69
C ILE A 33 -4.47 32.02 -17.38
N ILE A 34 -3.38 31.26 -17.43
CA ILE A 34 -2.24 31.66 -18.30
C ILE A 34 -1.86 30.42 -19.08
N ASP A 35 -2.09 30.46 -20.39
CA ASP A 35 -1.80 29.34 -21.32
C ASP A 35 -2.19 27.93 -20.82
N GLY A 36 -3.42 27.78 -20.32
CA GLY A 36 -3.91 26.46 -19.92
C GLY A 36 -3.62 26.05 -18.46
N PHE A 37 -2.90 26.89 -17.73
CA PHE A 37 -2.74 26.77 -16.27
C PHE A 37 -3.57 27.80 -15.51
N THR A 38 -4.36 27.34 -14.55
CA THR A 38 -5.19 28.21 -13.76
C THR A 38 -4.49 28.46 -12.39
N PHE A 39 -4.28 29.72 -12.04
CA PHE A 39 -3.66 30.07 -10.77
C PHE A 39 -4.78 30.65 -9.90
N LEU A 40 -4.92 30.13 -8.67
CA LEU A 40 -5.93 30.59 -7.72
C LEU A 40 -5.16 31.46 -6.76
N TYR A 41 -5.59 32.70 -6.61
CA TYR A 41 -4.83 33.72 -5.91
C TYR A 41 -5.74 34.73 -5.24
N SER A 42 -5.15 35.53 -4.36
CA SER A 42 -5.84 36.68 -3.78
C SER A 42 -4.83 37.79 -3.61
N GLU A 43 -5.33 38.99 -3.41
CA GLU A 43 -4.47 40.14 -3.34
C GLU A 43 -3.72 40.11 -2.01
N ALA A 44 -2.40 40.10 -2.08
CA ALA A 44 -1.58 40.13 -0.87
C ALA A 44 -1.40 41.55 -0.43
N LYS A 45 -1.76 41.83 0.82
CA LYS A 45 -1.45 43.14 1.36
C LYS A 45 0.04 43.25 1.82
N GLN A 46 0.54 42.28 2.59
CA GLN A 46 1.97 42.27 3.00
C GLN A 46 2.78 41.37 2.04
N GLU A 47 4.11 41.42 2.12
CA GLU A 47 5.00 40.47 1.39
C GLU A 47 5.10 39.09 2.08
N LYS A 48 4.79 39.05 3.37
CA LYS A 48 4.91 37.86 4.22
C LYS A 48 3.74 37.74 5.19
N TYR A 49 3.22 36.52 5.30
CA TYR A 49 2.15 36.19 6.20
C TYR A 49 2.63 35.19 7.26
N LEU A 50 2.27 35.42 8.51
CA LEU A 50 2.68 34.46 9.54
C LEU A 50 1.81 33.26 9.45
N ALA A 51 2.42 32.11 9.64
CA ALA A 51 1.70 30.86 9.61
C ALA A 51 0.99 30.63 10.95
N SER A 52 0.08 31.56 11.28
CA SER A 52 -0.77 31.45 12.48
C SER A 52 -1.82 30.41 12.21
N ARG A 53 -2.41 29.88 13.26
CA ARG A 53 -3.41 28.83 13.11
C ARG A 53 -4.54 29.31 12.17
N ARG A 54 -5.06 30.50 12.47
CA ARG A 54 -6.01 31.24 11.63
C ARG A 54 -5.69 31.28 10.11
N ASN A 55 -4.48 31.74 9.78
CA ASN A 55 -4.10 31.85 8.38
C ASN A 55 -3.92 30.51 7.69
N LEU A 56 -3.49 29.48 8.41
CA LEU A 56 -3.27 28.18 7.83
C LEU A 56 -4.59 27.56 7.46
N ILE A 57 -5.61 27.83 8.28
CA ILE A 57 -6.95 27.37 8.01
C ILE A 57 -7.52 28.08 6.79
N SER A 58 -7.33 29.39 6.69
CA SER A 58 -7.82 30.09 5.51
C SER A 58 -7.24 29.51 4.23
N HIS A 59 -5.95 29.17 4.25
CA HIS A 59 -5.26 28.67 3.07
C HIS A 59 -5.79 27.27 2.65
N GLU A 60 -5.81 26.39 3.65
CA GLU A 60 -6.25 25.02 3.54
C GLU A 60 -7.72 25.01 2.99
N LYS A 61 -8.60 25.89 3.50
CA LYS A 61 -10.01 25.86 3.08
C LYS A 61 -10.25 26.38 1.68
N VAL A 62 -9.41 27.28 1.18
CA VAL A 62 -9.58 27.71 -0.19
C VAL A 62 -9.41 26.47 -1.10
N LEU A 63 -8.35 25.70 -0.89
CA LEU A 63 -8.08 24.53 -1.74
C LEU A 63 -9.11 23.43 -1.54
N GLU A 64 -9.44 23.15 -0.29
CA GLU A 64 -10.53 22.16 -0.01
C GLU A 64 -11.86 22.55 -0.66
N GLN A 65 -12.19 23.84 -0.64
CA GLN A 65 -13.42 24.30 -1.28
C GLN A 65 -13.36 24.16 -2.79
N ALA A 66 -12.20 24.43 -3.40
CA ALA A 66 -12.03 24.16 -4.83
C ALA A 66 -12.25 22.70 -5.16
N MET A 67 -11.67 21.83 -4.36
CA MET A 67 -11.87 20.39 -4.55
C MET A 67 -13.34 19.97 -4.43
N HIS A 68 -14.04 20.48 -3.42
CA HIS A 68 -15.48 20.20 -3.26
C HIS A 68 -16.26 20.67 -4.48
N ALA A 69 -15.87 21.75 -5.12
CA ALA A 69 -16.56 22.23 -6.33
C ALA A 69 -16.19 21.51 -7.66
N GLY A 70 -15.30 20.50 -7.60
CA GLY A 70 -14.92 19.69 -8.77
C GLY A 70 -13.45 19.74 -9.20
N PHE A 71 -12.69 20.69 -8.68
CA PHE A 71 -11.34 20.90 -9.18
C PHE A 71 -10.43 20.13 -8.27
N ARG A 72 -10.39 18.82 -8.53
CA ARG A 72 -9.69 17.84 -7.69
C ARG A 72 -8.28 17.58 -8.11
N THR A 73 -7.95 17.82 -9.36
CA THR A 73 -6.58 17.71 -9.81
C THR A 73 -6.00 19.11 -9.59
N LEU A 74 -4.83 19.17 -8.92
CA LEU A 74 -4.13 20.42 -8.62
C LEU A 74 -2.81 20.17 -7.99
N LEU A 75 -1.87 21.06 -8.27
CA LEU A 75 -0.73 21.26 -7.44
C LEU A 75 -1.11 22.27 -6.33
N PRO A 76 -1.10 21.86 -5.06
CA PRO A 76 -1.37 22.79 -4.01
C PRO A 76 -0.11 23.39 -3.49
N LEU A 77 -0.12 24.69 -3.26
CA LEU A 77 1.12 25.34 -2.82
C LEU A 77 1.22 25.47 -1.33
N ARG A 78 2.46 25.49 -0.88
CA ARG A 78 2.73 25.56 0.52
C ARG A 78 2.36 26.98 0.93
N PHE A 79 1.85 27.08 2.17
CA PHE A 79 1.42 28.31 2.73
C PHE A 79 2.51 29.40 2.62
N GLY A 80 2.11 30.63 2.28
CA GLY A 80 2.98 31.82 2.45
C GLY A 80 3.53 32.37 1.15
N LEU A 81 3.15 31.75 0.04
CA LEU A 81 3.73 32.04 -1.23
C LEU A 81 3.12 33.35 -1.81
N VAL A 82 3.89 34.44 -1.68
CA VAL A 82 3.55 35.75 -2.17
C VAL A 82 4.56 36.21 -3.22
N VAL A 83 4.12 36.41 -4.45
CA VAL A 83 5.00 36.91 -5.50
C VAL A 83 4.47 38.26 -5.97
N LYS A 84 5.38 39.03 -6.51
CA LYS A 84 5.18 40.45 -6.70
C LYS A 84 4.17 40.77 -7.83
N ASN A 85 4.18 39.99 -8.90
CA ASN A 85 3.37 40.27 -10.04
C ASN A 85 3.33 39.06 -10.97
N TRP A 86 2.46 39.13 -11.98
CA TRP A 86 2.21 38.01 -12.88
C TRP A 86 3.40 37.71 -13.75
N GLU A 87 4.18 38.74 -14.09
CA GLU A 87 5.46 38.60 -14.81
C GLU A 87 6.36 37.61 -14.07
N THR A 88 6.51 37.84 -12.78
CA THR A 88 7.30 36.98 -11.96
C THR A 88 6.68 35.56 -11.87
N VAL A 89 5.36 35.46 -11.86
CA VAL A 89 4.71 34.12 -11.90
C VAL A 89 5.10 33.39 -13.19
N VAL A 90 5.10 34.11 -14.32
CA VAL A 90 5.43 33.51 -15.59
C VAL A 90 6.90 33.12 -15.70
N THR A 91 7.81 34.01 -15.32
CA THR A 91 9.24 33.78 -15.59
C THR A 91 9.86 32.75 -14.67
N GLN A 92 9.51 32.80 -13.39
CA GLN A 92 10.05 31.94 -12.34
C GLN A 92 9.27 30.64 -12.08
N LEU A 93 7.96 30.74 -11.95
CA LEU A 93 7.18 29.60 -11.52
C LEU A 93 6.62 28.78 -12.67
N LEU A 94 6.36 29.38 -13.82
CA LEU A 94 5.63 28.70 -14.84
C LEU A 94 6.51 28.27 -16.00
N GLN A 95 7.13 29.24 -16.64
CA GLN A 95 7.84 28.94 -17.85
C GLN A 95 8.79 27.74 -17.74
N PRO A 96 9.66 27.69 -16.72
CA PRO A 96 10.57 26.54 -16.64
C PRO A 96 9.97 25.23 -16.21
N TYR A 97 8.69 25.25 -15.82
CA TYR A 97 8.07 24.12 -15.12
C TYR A 97 6.90 23.51 -15.88
N LYS A 98 6.64 23.99 -17.08
CA LYS A 98 5.47 23.53 -17.81
C LYS A 98 5.38 22.00 -17.89
N ALA A 99 6.46 21.36 -18.32
CA ALA A 99 6.47 19.91 -18.52
C ALA A 99 6.21 19.13 -17.22
N GLN A 100 6.87 19.52 -16.15
CA GLN A 100 6.66 18.86 -14.86
C GLN A 100 5.24 19.03 -14.36
N LEU A 101 4.69 20.22 -14.57
CA LEU A 101 3.32 20.48 -14.15
C LEU A 101 2.34 19.67 -14.98
N ARG A 102 2.58 19.51 -16.29
CA ARG A 102 1.72 18.63 -17.12
C ARG A 102 1.81 17.14 -16.74
N GLU A 103 3.02 16.64 -16.45
CA GLU A 103 3.21 15.28 -15.95
C GLU A 103 2.47 15.12 -14.64
N LEU A 104 2.54 16.14 -13.82
CA LEU A 104 2.02 16.02 -12.49
C LEU A 104 0.49 15.94 -12.56
N PHE A 105 -0.12 16.79 -13.37
CA PHE A 105 -1.55 16.75 -13.58
C PHE A 105 -1.99 15.41 -14.14
N GLN A 106 -1.20 14.82 -15.02
CA GLN A 106 -1.41 13.43 -15.46
C GLN A 106 -1.46 12.39 -14.32
N LYS A 107 -0.51 12.43 -13.39
CA LYS A 107 -0.46 11.53 -12.24
C LYS A 107 -1.62 11.72 -11.26
N LEU A 108 -2.00 12.95 -10.99
CA LEU A 108 -3.03 13.19 -9.99
C LEU A 108 -4.45 13.06 -10.52
N ALA A 109 -4.62 13.14 -11.84
CA ALA A 109 -6.00 13.21 -12.33
C ALA A 109 -6.77 11.96 -11.95
N GLY A 110 -7.95 12.19 -11.39
CA GLY A 110 -8.84 11.12 -10.94
C GLY A 110 -8.44 10.47 -9.62
N ARG A 111 -7.52 11.11 -8.86
CA ARG A 111 -6.91 10.52 -7.66
C ARG A 111 -6.93 11.43 -6.47
N ARG A 112 -6.64 10.90 -5.29
CA ARG A 112 -6.80 11.65 -4.07
C ARG A 112 -5.88 11.22 -2.96
N GLU A 113 -5.51 12.15 -2.10
CA GLU A 113 -4.65 11.80 -1.00
C GLU A 113 -5.54 11.53 0.21
N VAL A 114 -5.28 10.42 0.93
CA VAL A 114 -5.86 10.18 2.25
C VAL A 114 -4.73 9.85 3.18
N SER A 115 -4.92 10.08 4.48
CA SER A 115 -3.83 9.79 5.39
C SER A 115 -4.32 8.89 6.53
N VAL A 116 -3.36 8.16 7.10
CA VAL A 116 -3.62 7.26 8.21
C VAL A 116 -2.54 7.46 9.25
N LYS A 117 -2.94 7.92 10.42
CA LYS A 117 -2.05 7.96 11.54
C LYS A 117 -2.54 7.00 12.60
N ILE A 118 -1.67 6.07 12.96
CA ILE A 118 -1.92 5.10 14.01
C ILE A 118 -1.13 5.47 15.27
N PHE A 119 -1.82 5.50 16.41
CA PHE A 119 -1.20 5.72 17.71
C PHE A 119 -1.39 4.50 18.60
N TRP A 120 -0.40 4.17 19.44
CA TRP A 120 -0.61 3.26 20.58
C TRP A 120 -0.23 3.91 21.92
N ASP A 121 -0.51 3.21 23.00
CA ASP A 121 -0.06 3.59 24.34
C ASP A 121 1.43 3.23 24.52
N SER A 122 2.34 4.18 24.32
CA SER A 122 3.80 3.89 24.29
C SER A 122 4.31 3.24 25.56
N LYS A 123 3.97 3.83 26.71
CA LYS A 123 4.42 3.33 28.03
C LYS A 123 3.98 1.86 28.19
N ALA A 124 2.66 1.64 28.14
CA ALA A 124 2.05 0.31 28.34
C ALA A 124 2.66 -0.83 27.52
N GLU A 125 2.93 -0.53 26.25
CA GLU A 125 3.44 -1.53 25.30
C GLU A 125 4.94 -1.79 25.52
N LEU A 126 5.64 -0.84 26.16
CA LEU A 126 7.03 -1.01 26.56
C LEU A 126 7.16 -2.02 27.71
N GLN A 127 6.33 -1.82 28.75
CA GLN A 127 6.26 -2.74 29.90
C GLN A 127 5.68 -4.13 29.53
N ALA A 128 4.69 -4.14 28.63
CA ALA A 128 4.15 -5.39 28.11
C ALA A 128 5.23 -6.18 27.32
N MET A 129 6.14 -5.47 26.62
CA MET A 129 7.23 -6.11 25.86
C MET A 129 8.36 -6.69 26.75
N MET A 130 8.67 -6.06 27.88
CA MET A 130 9.60 -6.63 28.90
C MET A 130 9.13 -8.02 29.38
N ASP A 131 7.82 -8.11 29.68
CA ASP A 131 7.14 -9.40 29.86
C ASP A 131 6.80 -10.15 28.52
N SER A 132 7.78 -10.82 27.87
CA SER A 132 7.54 -11.44 26.52
C SER A 132 8.06 -12.88 26.30
N HIS A 133 9.35 -13.05 25.93
CA HIS A 133 10.04 -14.38 25.93
C HIS A 133 11.36 -14.28 26.73
N GLN A 134 12.24 -13.33 26.38
CA GLN A 134 13.37 -12.96 27.25
C GLN A 134 12.98 -11.79 28.16
N ASP A 135 13.51 -11.81 29.38
CA ASP A 135 13.12 -10.87 30.43
C ASP A 135 14.29 -10.65 31.41
N LEU A 136 15.18 -9.71 31.06
CA LEU A 136 16.29 -9.29 31.94
C LEU A 136 15.71 -8.48 33.14
N LYS A 137 16.51 -7.75 33.92
CA LYS A 137 16.01 -7.27 35.23
C LYS A 137 15.18 -5.94 35.27
N GLN A 138 14.38 -5.68 34.23
CA GLN A 138 13.47 -4.49 34.13
C GLN A 138 14.16 -3.13 34.12
N GLU A 151 29.24 1.31 29.77
CA GLU A 151 29.05 -0.08 30.21
C GLU A 151 28.59 -0.98 29.00
N GLU A 152 27.98 -2.14 29.34
CA GLU A 152 27.10 -2.97 28.43
C GLU A 152 25.63 -2.45 28.34
N VAL A 153 25.40 -1.27 28.91
CA VAL A 153 24.18 -0.47 28.74
C VAL A 153 23.89 -0.22 27.23
N ILE A 154 24.94 -0.09 26.41
CA ILE A 154 24.80 0.06 24.93
C ILE A 154 24.11 -1.17 24.30
N HIS A 155 24.50 -2.36 24.76
CA HIS A 155 23.93 -3.63 24.29
C HIS A 155 22.43 -3.72 24.64
N ILE A 156 22.11 -3.51 25.92
CA ILE A 156 20.72 -3.67 26.40
C ILE A 156 19.71 -2.59 25.84
N GLY A 157 20.16 -1.34 25.70
CA GLY A 157 19.39 -0.29 25.04
C GLY A 157 19.24 -0.47 23.53
N GLN A 158 20.14 -1.24 22.92
CA GLN A 158 20.03 -1.67 21.50
C GLN A 158 19.01 -2.81 21.33
N LEU A 159 19.00 -3.76 22.28
CA LEU A 159 18.10 -4.93 22.24
C LEU A 159 16.63 -4.57 22.49
N ILE A 160 16.39 -3.62 23.38
CA ILE A 160 15.02 -3.16 23.60
C ILE A 160 14.53 -2.35 22.38
N GLU A 161 15.35 -1.43 21.90
CA GLU A 161 15.03 -0.58 20.73
C GLU A 161 14.75 -1.35 19.44
N SER A 162 15.42 -2.49 19.26
CA SER A 162 15.21 -3.33 18.08
C SER A 162 13.99 -4.25 18.25
N ASN A 163 13.70 -4.66 19.49
CA ASN A 163 12.51 -5.48 19.75
C ASN A 163 11.23 -4.65 19.90
N LEU A 164 11.39 -3.36 20.13
CA LEU A 164 10.27 -2.43 20.12
C LEU A 164 9.84 -2.20 18.67
N LEU A 165 10.82 -1.96 17.81
CA LEU A 165 10.59 -1.78 16.40
C LEU A 165 9.80 -2.95 15.81
N SER A 166 10.17 -4.20 16.16
CA SER A 166 9.41 -5.39 15.78
C SER A 166 7.95 -5.41 16.20
N ARG A 167 7.68 -4.94 17.40
CA ARG A 167 6.32 -4.93 17.93
C ARG A 167 5.45 -3.88 17.19
N LYS A 168 6.04 -2.72 16.90
CA LYS A 168 5.41 -1.72 16.04
C LYS A 168 5.15 -2.28 14.64
N GLU A 169 6.15 -2.97 14.11
CA GLU A 169 6.21 -3.31 12.72
C GLU A 169 5.29 -4.42 12.36
N SER A 170 5.00 -5.28 13.33
CA SER A 170 3.90 -6.23 13.25
C SER A 170 2.56 -5.62 13.08
N ILE A 171 2.34 -4.45 13.68
CA ILE A 171 1.06 -3.78 13.52
C ILE A 171 1.07 -3.07 12.19
N ILE A 172 2.07 -2.24 11.99
CA ILE A 172 2.23 -1.49 10.77
C ILE A 172 2.08 -2.36 9.51
N GLN A 173 2.78 -3.48 9.48
CA GLN A 173 2.78 -4.35 8.30
C GLN A 173 1.38 -4.77 7.90
N VAL A 174 0.55 -5.09 8.89
CA VAL A 174 -0.82 -5.56 8.59
C VAL A 174 -1.59 -4.43 7.89
N PHE A 175 -1.56 -3.22 8.45
CA PHE A 175 -2.21 -2.08 7.81
C PHE A 175 -1.68 -1.81 6.40
N PHE A 176 -0.36 -1.87 6.22
CA PHE A 176 0.24 -1.64 4.90
C PHE A 176 -0.16 -2.74 3.87
N ASP A 177 -0.13 -4.01 4.24
CA ASP A 177 -0.46 -5.08 3.30
C ASP A 177 -1.89 -5.03 2.95
N GLU A 178 -2.73 -4.55 3.87
CA GLU A 178 -4.17 -4.68 3.73
C GLU A 178 -4.81 -3.42 3.11
N LEU A 179 -4.11 -2.29 3.16
CA LEU A 179 -4.56 -1.09 2.49
C LEU A 179 -3.86 -0.81 1.13
N LYS A 180 -2.57 -1.14 1.02
CA LYS A 180 -1.83 -0.92 -0.22
C LYS A 180 -2.54 -1.36 -1.52
N PRO A 181 -3.36 -2.43 -1.48
CA PRO A 181 -4.01 -2.83 -2.74
C PRO A 181 -5.05 -1.88 -3.33
N LEU A 182 -5.52 -0.92 -2.54
CA LEU A 182 -6.49 0.07 -2.97
C LEU A 182 -5.81 1.36 -3.38
N ALA A 183 -4.49 1.41 -3.30
CA ALA A 183 -3.71 2.64 -3.53
C ALA A 183 -2.69 2.52 -4.63
N ASP A 184 -2.43 3.60 -5.34
CA ASP A 184 -1.45 3.61 -6.43
C ASP A 184 -0.06 3.89 -5.94
N GLU A 185 0.06 4.55 -4.79
CA GLU A 185 1.34 4.98 -4.25
C GLU A 185 1.16 5.17 -2.72
N VAL A 186 2.18 4.82 -1.96
CA VAL A 186 2.18 5.00 -0.50
C VAL A 186 3.49 5.70 -0.09
N ILE A 187 3.39 6.76 0.70
CA ILE A 187 4.56 7.44 1.27
C ILE A 187 4.37 7.53 2.76
N GLU A 188 5.36 7.04 3.50
CA GLU A 188 5.37 6.91 4.96
C GLU A 188 6.27 7.97 5.49
N SER A 189 5.87 8.65 6.54
CA SER A 189 6.73 9.68 7.15
C SER A 189 6.99 9.27 8.57
N ASP A 190 7.92 9.98 9.22
CA ASP A 190 8.37 9.61 10.57
C ASP A 190 7.32 10.01 11.58
N PRO A 191 7.21 9.26 12.66
CA PRO A 191 6.31 9.65 13.75
C PRO A 191 6.40 11.13 14.17
N MET A 192 5.25 11.79 14.34
CA MET A 192 5.22 13.15 14.91
C MET A 192 5.32 13.03 16.44
N THR A 193 4.36 12.40 17.12
CA THR A 193 4.39 12.28 18.59
C THR A 193 5.12 11.00 19.05
N GLU A 194 5.22 10.81 20.38
CA GLU A 194 5.82 9.59 20.96
C GLU A 194 4.89 8.39 20.76
N ASP A 195 3.58 8.63 20.76
CA ASP A 195 2.61 7.56 20.62
C ASP A 195 2.32 7.16 19.17
N MET A 196 2.76 7.97 18.22
CA MET A 196 2.49 7.71 16.82
C MET A 196 3.43 6.62 16.37
N ILE A 197 2.85 5.58 15.75
CA ILE A 197 3.68 4.54 15.14
C ILE A 197 3.56 4.44 13.64
N TYR A 198 2.58 5.12 13.02
CA TYR A 198 2.44 5.12 11.58
C TYR A 198 1.89 6.42 11.11
N ASN A 199 2.48 6.96 10.05
CA ASN A 199 2.05 8.21 9.49
C ASN A 199 2.24 8.06 7.99
N ALA A 200 1.15 7.68 7.33
CA ALA A 200 1.20 7.30 5.96
C ALA A 200 0.16 8.03 5.17
N ALA A 201 0.58 8.55 4.02
CA ALA A 201 -0.25 9.04 2.97
C ALA A 201 -0.44 7.97 1.82
N PHE A 202 -1.68 7.84 1.34
CA PHE A 202 -2.00 6.95 0.23
C PHE A 202 -2.58 7.79 -0.89
N LEU A 203 -2.08 7.55 -2.11
CA LEU A 203 -2.66 8.14 -3.31
C LEU A 203 -3.60 7.08 -3.94
N ILE A 204 -4.90 7.34 -3.90
CA ILE A 204 -5.90 6.36 -4.31
C ILE A 204 -6.77 6.92 -5.37
N PRO A 205 -7.28 6.05 -6.28
CA PRO A 205 -8.31 6.53 -7.21
C PRO A 205 -9.41 7.17 -6.43
N TRP A 206 -9.95 8.27 -6.97
CA TRP A 206 -10.95 9.06 -6.22
C TRP A 206 -12.09 8.13 -5.71
N GLU A 207 -12.60 7.26 -6.57
CA GLU A 207 -13.71 6.36 -6.25
C GLU A 207 -13.34 5.18 -5.35
N ASN A 208 -12.10 5.08 -4.89
CA ASN A 208 -11.75 4.09 -3.86
C ASN A 208 -11.96 4.53 -2.41
N GLU A 209 -12.33 5.78 -2.18
CA GLU A 209 -12.42 6.25 -0.79
C GLU A 209 -13.40 5.45 0.10
N SER A 210 -14.61 5.20 -0.37
CA SER A 210 -15.60 4.49 0.46
C SER A 210 -15.05 3.10 0.92
N ILE A 211 -14.48 2.33 -0.01
CA ILE A 211 -13.92 1.02 0.36
C ILE A 211 -12.67 1.13 1.25
N PHE A 212 -11.82 2.10 0.94
CA PHE A 212 -10.67 2.37 1.79
C PHE A 212 -11.09 2.60 3.25
N SER A 213 -12.07 3.44 3.44
CA SER A 213 -12.55 3.82 4.74
C SER A 213 -13.03 2.65 5.49
N GLN A 214 -13.80 1.80 4.84
CA GLN A 214 -14.29 0.60 5.52
C GLN A 214 -13.14 -0.39 5.85
N GLN A 215 -12.15 -0.50 4.95
CA GLN A 215 -10.98 -1.40 5.16
C GLN A 215 -10.14 -1.00 6.35
N VAL A 216 -9.90 0.29 6.49
CA VAL A 216 -9.21 0.82 7.65
C VAL A 216 -9.94 0.32 8.88
N GLU A 217 -11.26 0.42 8.86
CA GLU A 217 -12.05 0.13 10.05
C GLU A 217 -12.04 -1.35 10.37
N SER A 218 -12.13 -2.19 9.34
CA SER A 218 -12.09 -3.62 9.57
C SER A 218 -10.70 -4.14 10.03
N ILE A 219 -9.63 -3.45 9.63
CA ILE A 219 -8.32 -3.79 10.14
C ILE A 219 -8.27 -3.43 11.62
N ASP A 220 -8.69 -2.22 12.00
CA ASP A 220 -8.66 -1.76 13.40
C ASP A 220 -9.44 -2.71 14.29
N HIS A 221 -10.62 -3.14 13.87
CA HIS A 221 -11.40 -4.10 14.66
C HIS A 221 -10.54 -5.33 15.09
N LYS A 222 -9.62 -5.75 14.24
CA LYS A 222 -8.70 -6.86 14.55
C LYS A 222 -7.71 -6.62 15.70
N PHE A 223 -7.45 -5.37 16.06
CA PHE A 223 -6.54 -5.02 17.17
C PHE A 223 -7.27 -4.54 18.45
N ASP A 224 -8.60 -4.65 18.44
CA ASP A 224 -9.50 -4.30 19.54
C ASP A 224 -9.37 -2.82 19.89
N GLU A 225 -9.20 -2.49 21.18
CA GLU A 225 -9.11 -1.08 21.59
C GLU A 225 -7.64 -0.69 21.79
N ARG A 226 -6.73 -1.49 21.25
CA ARG A 226 -5.30 -1.27 21.37
C ARG A 226 -4.72 -0.04 20.65
N LEU A 227 -5.43 0.47 19.64
CA LEU A 227 -4.95 1.57 18.81
C LEU A 227 -5.95 2.71 18.73
N ARG A 228 -5.42 3.92 18.57
CA ARG A 228 -6.18 5.09 18.11
C ARG A 228 -5.84 5.28 16.63
N ILE A 229 -6.87 5.41 15.80
CA ILE A 229 -6.70 5.67 14.38
C ILE A 229 -7.21 7.06 13.98
N ARG A 230 -6.39 7.82 13.26
CA ARG A 230 -6.79 9.12 12.73
C ARG A 230 -6.66 9.04 11.21
N TYR A 231 -7.81 9.01 10.55
CA TYR A 231 -7.98 8.81 9.14
C TYR A 231 -8.49 10.14 8.62
N ASN A 232 -7.76 10.77 7.71
CA ASN A 232 -8.22 11.98 7.01
C ASN A 232 -8.49 11.60 5.58
N ASN A 233 -9.72 11.80 5.16
CA ASN A 233 -10.19 11.32 3.85
C ASN A 233 -10.32 12.37 2.78
N PHE A 234 -9.96 13.61 3.12
CA PHE A 234 -10.15 14.75 2.25
C PHE A 234 -9.13 15.82 2.60
N THR A 235 -8.15 15.94 1.73
CA THR A 235 -7.05 16.87 1.92
C THR A 235 -6.43 17.19 0.56
N ALA A 236 -5.84 18.37 0.44
CA ALA A 236 -5.14 18.74 -0.80
C ALA A 236 -3.92 17.81 -0.92
N PRO A 237 -3.53 17.39 -2.13
CA PRO A 237 -2.55 16.30 -2.23
C PRO A 237 -1.03 16.70 -2.16
N TYR A 238 -0.66 17.30 -1.03
CA TYR A 238 0.69 17.85 -0.84
C TYR A 238 1.85 16.84 -0.91
N THR A 239 1.61 15.64 -0.41
CA THR A 239 2.63 14.63 -0.32
C THR A 239 2.98 14.10 -1.71
N PHE A 240 2.01 14.13 -2.62
CA PHE A 240 2.19 13.57 -3.95
C PHE A 240 2.27 14.62 -5.02
N ALA A 241 2.29 15.88 -4.65
CA ALA A 241 2.35 16.97 -5.64
C ALA A 241 3.58 17.78 -5.40
N GLN A 242 4.69 17.28 -5.90
CA GLN A 242 5.98 17.88 -5.67
C GLN A 242 6.67 18.19 -6.98
N ILE A 243 7.45 19.26 -6.92
CA ILE A 243 8.08 19.79 -8.09
C ILE A 243 9.55 19.89 -7.76
N SER A 244 10.37 19.23 -8.56
CA SER A 244 11.81 19.31 -8.42
C SER A 244 12.37 20.48 -9.22
N HIS A 245 13.55 20.87 -8.85
CA HIS A 245 14.11 22.11 -9.29
C HIS A 245 14.50 22.10 -10.74
N HIS A 246 14.14 23.08 -11.54
CA HIS A 246 14.63 23.12 -12.94
C HIS A 246 15.79 24.11 -13.06
N HIS A 247 16.45 24.21 -14.22
CA HIS A 247 17.59 25.15 -14.41
C HIS A 247 17.05 26.59 -14.54
N HIS A 248 17.64 27.55 -13.84
CA HIS A 248 17.33 28.98 -13.98
C HIS A 248 18.61 29.75 -14.33
N HIS A 249 18.59 30.55 -15.39
CA HIS A 249 19.81 31.21 -15.92
C HIS A 249 19.95 32.62 -15.40
N HIS A 250 21.18 32.99 -14.99
CA HIS A 250 21.50 34.31 -14.37
C HIS A 250 22.73 34.94 -15.05
N SER B 2 34.99 -18.11 12.47
CA SER B 2 34.00 -18.72 11.53
C SER B 2 32.63 -18.02 11.65
N SER B 3 32.24 -17.28 10.62
CA SER B 3 30.88 -16.77 10.50
C SER B 3 30.26 -17.46 9.28
N GLY B 4 28.92 -17.49 9.23
CA GLY B 4 28.19 -18.36 8.30
C GLY B 4 27.77 -17.80 6.94
N LEU B 5 26.74 -18.41 6.35
CA LEU B 5 26.19 -18.08 5.04
C LEU B 5 24.72 -17.77 5.21
N TYR B 6 24.33 -16.54 4.84
CA TYR B 6 22.92 -16.13 4.75
C TYR B 6 22.42 -16.58 3.40
N LEU B 7 21.30 -17.30 3.36
CA LEU B 7 20.78 -17.89 2.11
C LEU B 7 19.48 -17.24 1.63
N TYR B 8 19.43 -16.72 0.39
CA TYR B 8 18.25 -15.98 -0.07
C TYR B 8 17.27 -16.90 -0.79
N GLY B 9 17.79 -17.79 -1.62
CA GLY B 9 16.93 -18.73 -2.36
C GLY B 9 17.70 -19.79 -3.12
N ILE B 10 16.98 -20.72 -3.72
CA ILE B 10 17.58 -21.81 -4.46
C ILE B 10 17.02 -21.74 -5.86
N PHE B 11 17.90 -21.82 -6.86
CA PHE B 11 17.49 -21.92 -8.26
C PHE B 11 18.02 -23.23 -8.91
N PRO B 12 17.22 -23.82 -9.81
CA PRO B 12 17.73 -24.97 -10.57
C PRO B 12 18.74 -24.53 -11.66
N ASP B 13 18.58 -23.35 -12.19
CA ASP B 13 19.42 -22.85 -13.22
C ASP B 13 20.69 -22.16 -12.63
N PRO B 14 21.85 -22.38 -13.28
CA PRO B 14 23.07 -21.80 -12.74
C PRO B 14 23.20 -20.28 -13.01
N ILE B 15 23.34 -19.53 -11.96
CA ILE B 15 23.66 -18.14 -12.03
C ILE B 15 25.17 -18.06 -11.97
N PRO B 16 25.78 -17.28 -12.87
CA PRO B 16 27.24 -17.34 -12.94
C PRO B 16 27.91 -16.86 -11.66
N GLU B 17 28.98 -17.56 -11.27
CA GLU B 17 29.71 -17.22 -10.04
C GLU B 17 30.59 -16.00 -10.19
N THR B 18 30.69 -15.46 -11.39
CA THR B 18 31.44 -14.23 -11.62
C THR B 18 30.74 -12.97 -11.17
N VAL B 19 29.41 -13.01 -11.00
CA VAL B 19 28.65 -11.82 -10.71
C VAL B 19 28.46 -11.53 -9.24
N THR B 20 28.33 -10.24 -8.90
CA THR B 20 27.95 -9.80 -7.54
C THR B 20 26.60 -9.13 -7.62
N LEU B 21 25.75 -9.35 -6.61
CA LEU B 21 24.45 -8.69 -6.52
C LEU B 21 24.43 -7.90 -5.22
N GLN B 22 23.40 -7.06 -5.11
CA GLN B 22 23.18 -6.14 -3.95
C GLN B 22 22.09 -6.64 -3.01
N GLY B 23 22.41 -6.75 -1.72
CA GLY B 23 21.50 -7.31 -0.71
C GLY B 23 21.42 -6.48 0.56
N LEU B 24 21.14 -7.19 1.68
CA LEU B 24 21.06 -6.68 3.07
C LEU B 24 22.19 -5.72 3.44
N ASP B 25 21.90 -4.55 4.04
CA ASP B 25 22.96 -3.62 4.55
C ASP B 25 23.86 -2.99 3.48
N SER B 26 23.54 -3.13 2.20
CA SER B 26 24.56 -2.99 1.12
C SER B 26 25.69 -4.06 1.23
N GLN B 27 25.25 -5.27 1.58
CA GLN B 27 26.07 -6.45 1.61
C GLN B 27 26.10 -7.05 0.18
N LEU B 28 27.22 -7.67 -0.16
CA LEU B 28 27.36 -8.25 -1.47
C LEU B 28 26.73 -9.65 -1.46
N VAL B 29 26.06 -9.99 -2.55
CA VAL B 29 25.44 -11.30 -2.72
C VAL B 29 26.13 -12.02 -3.87
N TYR B 30 26.36 -13.30 -3.68
CA TYR B 30 27.02 -14.13 -4.65
C TYR B 30 26.26 -15.39 -4.97
N SER B 31 26.72 -16.07 -6.01
CA SER B 31 26.19 -17.40 -6.41
C SER B 31 27.14 -18.53 -6.04
N GLN B 32 26.65 -19.55 -5.36
CA GLN B 32 27.32 -20.80 -5.15
C GLN B 32 26.53 -21.93 -5.85
N ILE B 33 27.16 -22.64 -6.80
CA ILE B 33 26.53 -23.75 -7.49
C ILE B 33 27.02 -25.12 -6.96
N ILE B 34 26.16 -25.83 -6.26
CA ILE B 34 26.46 -27.18 -5.82
C ILE B 34 25.52 -28.16 -6.50
N ASP B 35 26.07 -29.13 -7.23
CA ASP B 35 25.31 -30.30 -7.68
C ASP B 35 24.10 -29.91 -8.59
N GLY B 36 24.31 -28.91 -9.45
CA GLY B 36 23.27 -28.39 -10.31
C GLY B 36 22.22 -27.46 -9.69
N PHE B 37 22.39 -27.11 -8.40
CA PHE B 37 21.52 -26.12 -7.70
C PHE B 37 22.29 -24.84 -7.35
N THR B 38 21.73 -23.67 -7.72
CA THR B 38 22.28 -22.36 -7.33
C THR B 38 21.75 -21.91 -5.95
N PHE B 39 22.64 -21.50 -5.06
CA PHE B 39 22.26 -20.83 -3.80
C PHE B 39 22.73 -19.41 -3.94
N LEU B 40 21.83 -18.43 -3.77
CA LEU B 40 22.25 -17.04 -3.66
C LEU B 40 22.45 -16.77 -2.19
N TYR B 41 23.56 -16.13 -1.83
CA TYR B 41 23.96 -15.99 -0.43
C TYR B 41 24.78 -14.74 -0.22
N SER B 42 24.88 -14.33 1.04
CA SER B 42 25.89 -13.37 1.47
C SER B 42 26.60 -13.85 2.73
N GLU B 43 27.77 -13.27 3.02
CA GLU B 43 28.57 -13.66 4.19
C GLU B 43 27.85 -13.13 5.43
N ALA B 44 27.48 -14.03 6.31
CA ALA B 44 26.69 -13.68 7.49
C ALA B 44 27.48 -12.98 8.61
N LYS B 45 26.76 -12.22 9.41
CA LYS B 45 27.26 -11.61 10.65
C LYS B 45 26.94 -12.46 11.90
N GLN B 46 27.81 -12.39 12.93
CA GLN B 46 27.48 -12.95 14.26
C GLN B 46 26.25 -12.25 14.89
N GLU B 47 25.97 -11.02 14.45
CA GLU B 47 24.67 -10.37 14.60
C GLU B 47 23.56 -11.11 13.83
N LYS B 48 22.85 -12.02 14.52
CA LYS B 48 21.71 -12.75 13.91
C LYS B 48 20.61 -11.82 13.48
N TYR B 49 19.97 -12.20 12.38
CA TYR B 49 19.30 -11.24 11.52
C TYR B 49 17.88 -10.99 11.97
N LEU B 50 17.61 -9.73 12.34
CA LEU B 50 16.30 -9.38 12.84
C LEU B 50 15.48 -8.99 11.66
N ALA B 51 14.29 -9.59 11.60
CA ALA B 51 13.37 -9.45 10.48
C ALA B 51 12.62 -8.11 10.40
N SER B 52 13.32 -7.03 10.14
CA SER B 52 12.71 -5.71 9.96
C SER B 52 12.05 -5.62 8.60
N ARG B 53 11.16 -4.65 8.42
CA ARG B 53 10.57 -4.33 7.11
C ARG B 53 11.59 -3.99 6.08
N ARG B 54 12.58 -3.21 6.46
CA ARG B 54 13.63 -2.78 5.55
C ARG B 54 14.49 -3.94 5.01
N ASN B 55 14.79 -4.89 5.87
CA ASN B 55 15.57 -5.96 5.37
C ASN B 55 14.77 -7.20 4.80
N LEU B 56 13.46 -7.28 5.03
CA LEU B 56 12.57 -8.17 4.24
C LEU B 56 12.44 -7.70 2.79
N ILE B 57 12.36 -6.40 2.60
CA ILE B 57 12.34 -5.79 1.26
C ILE B 57 13.62 -6.04 0.48
N SER B 58 14.76 -5.88 1.14
CA SER B 58 16.05 -6.18 0.55
C SER B 58 16.23 -7.64 0.10
N HIS B 59 15.81 -8.57 0.97
CA HIS B 59 15.80 -10.03 0.65
C HIS B 59 14.97 -10.20 -0.61
N GLU B 60 13.78 -9.67 -0.57
CA GLU B 60 12.87 -9.77 -1.71
C GLU B 60 13.53 -9.21 -2.94
N LYS B 61 14.20 -8.06 -2.80
CA LYS B 61 14.83 -7.43 -3.96
C LYS B 61 16.00 -8.23 -4.61
N VAL B 62 16.66 -9.07 -3.83
CA VAL B 62 17.67 -9.99 -4.35
C VAL B 62 17.02 -10.99 -5.30
N LEU B 63 15.89 -11.55 -4.90
CA LEU B 63 15.21 -12.53 -5.75
C LEU B 63 14.70 -11.90 -7.04
N GLU B 64 14.25 -10.68 -6.98
CA GLU B 64 13.75 -9.98 -8.17
C GLU B 64 14.84 -9.64 -9.18
N GLN B 65 16.02 -9.19 -8.73
CA GLN B 65 17.17 -8.96 -9.65
C GLN B 65 17.37 -10.22 -10.51
N ALA B 66 17.40 -11.35 -9.80
CA ALA B 66 17.57 -12.64 -10.41
C ALA B 66 16.47 -12.97 -11.42
N MET B 67 15.21 -12.76 -11.04
CA MET B 67 14.07 -13.02 -11.94
C MET B 67 14.09 -12.15 -13.19
N HIS B 68 14.32 -10.85 -12.99
CA HIS B 68 14.46 -9.89 -14.08
C HIS B 68 15.55 -10.32 -15.03
N ALA B 69 16.60 -11.00 -14.53
CA ALA B 69 17.70 -11.45 -15.36
C ALA B 69 17.42 -12.83 -16.00
N GLY B 70 16.18 -13.31 -15.86
CA GLY B 70 15.77 -14.56 -16.46
C GLY B 70 15.75 -15.78 -15.58
N PHE B 71 16.05 -15.65 -14.28
CA PHE B 71 16.05 -16.82 -13.38
C PHE B 71 14.67 -16.90 -12.71
N ARG B 72 13.73 -17.46 -13.46
CA ARG B 72 12.31 -17.40 -13.15
C ARG B 72 11.86 -18.55 -12.30
N THR B 73 12.63 -19.62 -12.21
CA THR B 73 12.29 -20.76 -11.39
C THR B 73 13.14 -20.64 -10.15
N LEU B 74 12.49 -20.52 -9.01
CA LEU B 74 13.20 -20.39 -7.73
C LEU B 74 12.36 -20.83 -6.57
N LEU B 75 13.04 -21.31 -5.52
CA LEU B 75 12.45 -21.47 -4.20
C LEU B 75 12.98 -20.31 -3.35
N PRO B 76 12.15 -19.30 -3.09
CA PRO B 76 12.44 -18.33 -2.03
C PRO B 76 12.57 -19.02 -0.70
N LEU B 77 13.61 -18.65 0.04
CA LEU B 77 13.85 -19.13 1.37
C LEU B 77 13.41 -18.09 2.41
N ARG B 78 12.75 -18.59 3.46
CA ARG B 78 12.30 -17.78 4.56
C ARG B 78 13.47 -16.94 5.13
N PHE B 79 13.13 -15.72 5.49
CA PHE B 79 14.06 -14.73 6.02
C PHE B 79 14.84 -15.30 7.18
N GLY B 80 16.12 -15.00 7.19
CA GLY B 80 16.96 -15.29 8.34
C GLY B 80 17.62 -16.66 8.36
N LEU B 81 17.63 -17.41 7.26
CA LEU B 81 18.31 -18.71 7.26
C LEU B 81 19.83 -18.51 7.14
N VAL B 82 20.57 -18.87 8.19
CA VAL B 82 22.01 -18.75 8.27
C VAL B 82 22.58 -20.12 8.59
N VAL B 83 23.56 -20.61 7.83
CA VAL B 83 24.12 -22.00 7.99
C VAL B 83 25.64 -21.89 8.06
N LYS B 84 26.32 -22.66 8.92
CA LYS B 84 27.69 -22.31 9.26
C LYS B 84 28.71 -22.44 8.11
N ASN B 85 28.45 -23.29 7.12
CA ASN B 85 29.36 -23.47 5.99
C ASN B 85 28.65 -24.30 4.92
N TRP B 86 29.33 -24.50 3.81
CA TRP B 86 28.75 -25.17 2.66
C TRP B 86 28.55 -26.64 2.84
N GLU B 87 29.45 -27.31 3.54
CA GLU B 87 29.26 -28.72 3.84
C GLU B 87 27.91 -28.92 4.59
N THR B 88 27.60 -28.01 5.51
CA THR B 88 26.38 -28.11 6.31
C THR B 88 25.12 -27.85 5.48
N VAL B 89 25.25 -27.02 4.45
CA VAL B 89 24.16 -26.82 3.49
C VAL B 89 23.88 -28.14 2.75
N VAL B 90 24.97 -28.83 2.36
CA VAL B 90 24.84 -30.12 1.67
C VAL B 90 24.12 -31.16 2.57
N THR B 91 24.49 -31.23 3.85
CA THR B 91 24.01 -32.32 4.71
C THR B 91 22.66 -31.99 5.30
N GLN B 92 22.48 -30.78 5.81
CA GLN B 92 21.20 -30.42 6.46
C GLN B 92 20.13 -30.04 5.44
N LEU B 93 20.50 -29.78 4.19
CA LEU B 93 19.55 -29.26 3.22
C LEU B 93 19.57 -29.94 1.85
N LEU B 94 20.68 -29.90 1.15
CA LEU B 94 20.67 -30.38 -0.24
C LEU B 94 20.49 -31.92 -0.37
N GLN B 95 21.18 -32.73 0.45
CA GLN B 95 21.08 -34.21 0.37
C GLN B 95 19.69 -34.72 0.79
N PRO B 96 19.21 -34.28 1.95
CA PRO B 96 17.86 -34.77 2.35
C PRO B 96 16.68 -34.35 1.41
N TYR B 97 16.78 -33.21 0.72
CA TYR B 97 15.60 -32.66 0.04
C TYR B 97 15.74 -32.51 -1.48
N LYS B 98 16.87 -32.91 -2.07
CA LYS B 98 17.07 -32.66 -3.52
C LYS B 98 15.96 -33.27 -4.38
N ALA B 99 15.41 -34.38 -3.93
CA ALA B 99 14.32 -35.03 -4.65
C ALA B 99 13.07 -34.12 -4.69
N GLN B 100 12.69 -33.56 -3.54
CA GLN B 100 11.55 -32.65 -3.48
C GLN B 100 11.79 -31.36 -4.27
N LEU B 101 13.04 -30.91 -4.28
CA LEU B 101 13.40 -29.74 -5.00
C LEU B 101 13.26 -29.93 -6.47
N ARG B 102 13.85 -31.01 -7.01
CA ARG B 102 13.78 -31.32 -8.47
C ARG B 102 12.32 -31.43 -8.87
N GLU B 103 11.52 -32.06 -8.02
CA GLU B 103 10.10 -32.22 -8.28
C GLU B 103 9.36 -30.87 -8.32
N LEU B 104 9.73 -29.97 -7.40
CA LEU B 104 9.12 -28.65 -7.37
C LEU B 104 9.54 -27.87 -8.59
N PHE B 105 10.81 -27.99 -8.95
CA PHE B 105 11.30 -27.26 -10.07
C PHE B 105 10.71 -27.70 -11.40
N GLN B 106 10.38 -28.98 -11.56
CA GLN B 106 9.60 -29.38 -12.73
C GLN B 106 8.17 -28.80 -12.74
N LYS B 107 7.55 -28.70 -11.58
CA LYS B 107 6.24 -28.07 -11.52
C LYS B 107 6.37 -26.58 -11.83
N LEU B 108 7.43 -25.94 -11.38
CA LEU B 108 7.52 -24.48 -11.55
C LEU B 108 8.07 -24.03 -12.90
N ALA B 109 8.81 -24.88 -13.60
CA ALA B 109 9.56 -24.41 -14.80
C ALA B 109 8.61 -23.85 -15.88
N GLY B 110 8.97 -22.66 -16.36
CA GLY B 110 8.22 -21.92 -17.35
C GLY B 110 6.89 -21.41 -16.83
N ARG B 111 6.63 -21.48 -15.51
CA ARG B 111 5.41 -20.97 -14.93
C ARG B 111 5.76 -19.71 -14.14
N ARG B 112 4.75 -19.11 -13.55
CA ARG B 112 4.83 -17.76 -13.00
C ARG B 112 3.66 -17.59 -12.08
N GLU B 113 3.90 -17.00 -10.90
CA GLU B 113 2.85 -16.70 -9.91
C GLU B 113 2.24 -15.37 -10.14
N VAL B 114 0.93 -15.29 -10.26
CA VAL B 114 0.24 -13.99 -10.31
C VAL B 114 -0.83 -13.99 -9.27
N SER B 115 -1.33 -12.82 -8.98
CA SER B 115 -2.19 -12.67 -7.80
C SER B 115 -3.35 -11.69 -8.07
N VAL B 116 -4.54 -12.09 -7.64
CA VAL B 116 -5.74 -11.31 -7.85
C VAL B 116 -6.41 -11.10 -6.51
N LYS B 117 -6.48 -9.85 -6.08
CA LYS B 117 -7.23 -9.47 -4.89
C LYS B 117 -8.45 -8.69 -5.33
N ILE B 118 -9.63 -9.05 -4.79
CA ILE B 118 -10.89 -8.39 -5.15
C ILE B 118 -11.54 -7.80 -3.91
N PHE B 119 -11.93 -6.52 -3.98
CA PHE B 119 -12.65 -5.81 -2.91
C PHE B 119 -14.04 -5.46 -3.40
N TRP B 120 -14.97 -5.33 -2.45
CA TRP B 120 -16.27 -4.74 -2.70
C TRP B 120 -16.64 -3.76 -1.60
N ASP B 121 -17.71 -2.99 -1.83
CA ASP B 121 -18.18 -1.97 -0.91
C ASP B 121 -19.14 -2.69 0.05
N SER B 122 -18.65 -3.02 1.24
CA SER B 122 -19.44 -3.86 2.16
C SER B 122 -20.81 -3.21 2.47
N LYS B 123 -20.81 -1.93 2.82
CA LYS B 123 -22.02 -1.21 3.24
C LYS B 123 -23.08 -1.10 2.10
N ALA B 124 -22.65 -0.80 0.90
CA ALA B 124 -23.52 -0.74 -0.26
C ALA B 124 -24.01 -2.08 -0.77
N GLU B 125 -23.20 -3.12 -0.69
CA GLU B 125 -23.62 -4.45 -1.15
C GLU B 125 -24.61 -5.04 -0.19
N LEU B 126 -24.42 -4.77 1.10
CA LEU B 126 -25.43 -5.13 2.10
C LEU B 126 -26.80 -4.43 1.83
N GLN B 127 -26.82 -3.11 1.68
CA GLN B 127 -28.06 -2.34 1.34
C GLN B 127 -28.76 -2.85 0.07
N ALA B 128 -27.98 -3.11 -0.98
CA ALA B 128 -28.56 -3.57 -2.23
C ALA B 128 -29.24 -4.94 -2.07
N MET B 129 -28.68 -5.79 -1.20
CA MET B 129 -29.26 -7.10 -0.95
C MET B 129 -30.55 -6.96 -0.17
N MET B 130 -30.56 -6.08 0.84
CA MET B 130 -31.72 -5.87 1.69
C MET B 130 -32.88 -5.31 0.87
N ASP B 131 -32.56 -4.45 -0.12
CA ASP B 131 -33.54 -3.90 -1.08
C ASP B 131 -34.01 -4.89 -2.13
N SER B 132 -33.24 -5.92 -2.46
CA SER B 132 -33.59 -6.87 -3.53
C SER B 132 -33.91 -8.33 -3.14
N HIS B 133 -33.59 -8.74 -1.91
CA HIS B 133 -33.90 -10.11 -1.43
C HIS B 133 -35.31 -10.14 -0.82
N GLN B 134 -36.27 -10.63 -1.58
CA GLN B 134 -37.68 -10.48 -1.17
C GLN B 134 -38.02 -11.28 0.08
N ASP B 135 -37.49 -12.50 0.25
CA ASP B 135 -37.74 -13.25 1.52
C ASP B 135 -37.20 -12.51 2.73
N LEU B 136 -36.04 -11.86 2.57
CA LEU B 136 -35.37 -11.16 3.70
C LEU B 136 -36.15 -9.90 4.00
N LYS B 137 -36.43 -9.15 2.93
CA LYS B 137 -37.20 -7.92 3.04
C LYS B 137 -38.57 -8.20 3.71
N GLN B 138 -39.23 -9.32 3.40
CA GLN B 138 -40.50 -9.66 4.05
C GLN B 138 -40.36 -10.05 5.52
N LYS B 139 -39.33 -10.86 5.83
CA LYS B 139 -39.06 -11.28 7.21
C LYS B 139 -38.80 -10.03 7.97
N ARG B 140 -37.89 -9.22 7.46
CA ARG B 140 -37.60 -7.92 8.03
C ARG B 140 -38.93 -7.18 8.18
N ASP B 141 -39.60 -7.01 7.04
CA ASP B 141 -40.76 -6.13 6.89
C ASP B 141 -41.61 -6.30 8.06
N GLN B 142 -42.16 -5.17 8.47
CA GLN B 142 -42.85 -4.94 9.74
C GLN B 142 -43.37 -6.19 10.49
N MET B 143 -43.25 -7.40 9.90
CA MET B 143 -43.18 -8.68 10.66
C MET B 143 -42.31 -8.52 11.91
N GLU B 144 -41.32 -7.65 11.84
CA GLU B 144 -40.72 -7.00 13.02
C GLU B 144 -41.04 -5.46 13.03
N GLY B 145 -42.12 -5.09 13.73
CA GLY B 145 -42.47 -3.70 14.06
C GLY B 145 -43.05 -3.74 15.47
N LYS B 146 -42.33 -4.41 16.38
CA LYS B 146 -42.87 -4.91 17.65
C LYS B 146 -41.73 -5.29 18.64
N ALA B 147 -42.07 -6.08 19.67
CA ALA B 147 -41.08 -6.62 20.61
C ALA B 147 -40.44 -7.90 20.06
N LEU B 148 -39.15 -7.83 19.81
CA LEU B 148 -38.41 -9.00 19.35
C LEU B 148 -37.78 -9.69 20.54
N SER B 149 -37.54 -10.99 20.42
CA SER B 149 -36.60 -11.65 21.34
C SER B 149 -35.16 -11.54 20.77
N MET B 150 -34.18 -11.84 21.59
CA MET B 150 -32.82 -11.95 21.14
C MET B 150 -32.66 -12.96 19.99
N GLU B 151 -33.35 -14.08 20.13
CA GLU B 151 -33.20 -15.18 19.20
C GLU B 151 -33.68 -14.77 17.81
N GLU B 152 -34.78 -14.01 17.70
CA GLU B 152 -35.27 -13.57 16.39
C GLU B 152 -34.27 -12.64 15.74
N VAL B 153 -33.73 -11.70 16.52
CA VAL B 153 -32.74 -10.71 16.04
C VAL B 153 -31.43 -11.38 15.64
N ILE B 154 -30.97 -12.32 16.44
CA ILE B 154 -29.79 -13.09 16.08
C ILE B 154 -30.07 -13.92 14.85
N HIS B 155 -31.25 -14.55 14.79
CA HIS B 155 -31.57 -15.43 13.67
C HIS B 155 -31.59 -14.64 12.37
N ILE B 156 -32.20 -13.44 12.40
CA ILE B 156 -32.28 -12.69 11.16
C ILE B 156 -30.89 -12.19 10.76
N GLY B 157 -30.08 -11.81 11.75
CA GLY B 157 -28.66 -11.51 11.55
C GLY B 157 -27.96 -12.67 10.85
N GLN B 158 -28.23 -13.90 11.27
CA GLN B 158 -27.61 -15.05 10.59
C GLN B 158 -28.08 -15.27 9.19
N LEU B 159 -29.34 -14.95 8.93
CA LEU B 159 -29.89 -15.00 7.57
C LEU B 159 -29.24 -13.99 6.64
N ILE B 160 -29.12 -12.76 7.12
CA ILE B 160 -28.38 -11.75 6.39
C ILE B 160 -26.95 -12.27 6.05
N GLU B 161 -26.14 -12.68 7.06
CA GLU B 161 -24.72 -13.21 6.88
C GLU B 161 -24.68 -14.29 5.81
N SER B 162 -25.58 -15.26 5.90
CA SER B 162 -25.61 -16.41 5.00
C SER B 162 -25.90 -16.03 3.56
N ASN B 163 -26.85 -15.15 3.37
CA ASN B 163 -27.13 -14.57 2.04
C ASN B 163 -26.03 -13.62 1.48
N LEU B 164 -25.43 -12.82 2.35
CA LEU B 164 -24.25 -12.05 1.98
C LEU B 164 -23.09 -12.97 1.48
N LEU B 165 -22.88 -14.06 2.22
CA LEU B 165 -21.84 -15.02 1.93
C LEU B 165 -22.15 -15.61 0.59
N SER B 166 -23.41 -15.94 0.39
CA SER B 166 -23.84 -16.49 -0.89
C SER B 166 -23.70 -15.46 -2.07
N ARG B 167 -23.96 -14.20 -1.82
CA ARG B 167 -23.75 -13.15 -2.85
C ARG B 167 -22.26 -12.96 -3.24
N LYS B 168 -21.37 -13.02 -2.23
CA LYS B 168 -19.91 -13.13 -2.43
C LYS B 168 -19.54 -14.33 -3.29
N GLU B 169 -19.93 -15.55 -2.88
CA GLU B 169 -19.56 -16.78 -3.64
C GLU B 169 -19.91 -16.62 -5.10
N SER B 170 -21.00 -15.93 -5.43
CA SER B 170 -21.45 -15.79 -6.84
C SER B 170 -20.59 -14.89 -7.70
N ILE B 171 -19.99 -13.88 -7.06
CA ILE B 171 -19.06 -13.04 -7.76
C ILE B 171 -17.75 -13.81 -7.98
N ILE B 172 -17.24 -14.39 -6.90
CA ILE B 172 -15.99 -15.15 -6.91
C ILE B 172 -16.02 -16.21 -8.01
N GLN B 173 -17.18 -16.85 -8.18
CA GLN B 173 -17.30 -18.05 -9.01
C GLN B 173 -17.06 -17.71 -10.45
N VAL B 174 -17.65 -16.61 -10.89
CA VAL B 174 -17.47 -16.15 -12.25
C VAL B 174 -15.99 -15.94 -12.55
N PHE B 175 -15.28 -15.32 -11.59
CA PHE B 175 -13.83 -15.08 -11.69
C PHE B 175 -13.06 -16.38 -11.74
N PHE B 176 -13.33 -17.26 -10.77
CA PHE B 176 -12.64 -18.56 -10.74
C PHE B 176 -12.84 -19.31 -12.09
N ASP B 177 -14.07 -19.30 -12.59
CA ASP B 177 -14.44 -20.05 -13.77
C ASP B 177 -13.78 -19.50 -15.02
N GLU B 178 -13.76 -18.19 -15.18
CA GLU B 178 -13.16 -17.61 -16.39
C GLU B 178 -11.62 -17.50 -16.34
N LEU B 179 -11.02 -17.69 -15.17
CA LEU B 179 -9.59 -17.56 -14.98
C LEU B 179 -8.90 -18.92 -14.82
N LYS B 180 -9.51 -19.88 -14.11
CA LYS B 180 -8.96 -21.26 -13.97
C LYS B 180 -8.38 -21.88 -15.27
N PRO B 181 -9.10 -21.79 -16.42
CA PRO B 181 -8.54 -22.35 -17.67
C PRO B 181 -7.22 -21.75 -18.17
N LEU B 182 -6.91 -20.53 -17.76
CA LEU B 182 -5.61 -19.92 -18.04
C LEU B 182 -4.52 -20.38 -17.07
N ALA B 183 -4.88 -21.18 -16.07
CA ALA B 183 -3.99 -21.52 -14.96
C ALA B 183 -3.85 -23.01 -14.67
N ASP B 184 -2.65 -23.42 -14.29
CA ASP B 184 -2.39 -24.78 -13.82
C ASP B 184 -2.87 -25.07 -12.41
N GLU B 185 -2.82 -24.09 -11.53
CA GLU B 185 -3.19 -24.32 -10.13
C GLU B 185 -3.69 -23.02 -9.54
N VAL B 186 -4.57 -23.11 -8.56
CA VAL B 186 -5.10 -21.95 -7.86
C VAL B 186 -5.15 -22.19 -6.36
N ILE B 187 -4.63 -21.24 -5.60
CA ILE B 187 -4.65 -21.30 -4.17
C ILE B 187 -5.25 -19.99 -3.68
N GLU B 188 -6.31 -20.14 -2.91
CA GLU B 188 -7.08 -19.05 -2.33
C GLU B 188 -6.60 -18.89 -0.88
N SER B 189 -6.68 -17.68 -0.35
CA SER B 189 -6.44 -17.41 1.06
C SER B 189 -7.70 -16.77 1.64
N ASP B 190 -7.94 -17.05 2.91
CA ASP B 190 -9.04 -16.44 3.66
C ASP B 190 -8.74 -14.97 3.76
N PRO B 191 -9.64 -14.12 3.25
CA PRO B 191 -9.31 -12.69 3.40
C PRO B 191 -9.33 -12.28 4.86
N MET B 192 -8.40 -11.45 5.30
CA MET B 192 -8.53 -10.93 6.67
C MET B 192 -9.83 -10.21 6.95
N THR B 193 -10.32 -9.41 6.00
CA THR B 193 -11.47 -8.57 6.23
C THR B 193 -12.64 -8.97 5.36
N GLU B 194 -13.83 -8.61 5.78
CA GLU B 194 -15.01 -8.84 4.95
C GLU B 194 -14.99 -7.93 3.67
N ASP B 195 -14.11 -6.93 3.63
CA ASP B 195 -14.11 -5.95 2.54
C ASP B 195 -13.40 -6.47 1.30
N MET B 196 -12.41 -7.32 1.53
CA MET B 196 -11.73 -8.05 0.49
C MET B 196 -12.45 -9.40 0.43
N ILE B 197 -12.96 -9.73 -0.75
CA ILE B 197 -13.80 -10.90 -0.93
C ILE B 197 -13.06 -12.06 -1.53
N TYR B 198 -11.90 -11.81 -2.16
CA TYR B 198 -11.09 -12.84 -2.82
C TYR B 198 -9.62 -12.43 -2.80
N ASN B 199 -8.77 -13.41 -2.56
CA ASN B 199 -7.34 -13.23 -2.53
C ASN B 199 -6.72 -14.53 -3.03
N ALA B 200 -6.31 -14.56 -4.28
CA ALA B 200 -5.91 -15.85 -4.82
C ALA B 200 -4.69 -15.73 -5.72
N ALA B 201 -3.89 -16.76 -5.71
CA ALA B 201 -2.67 -16.82 -6.44
C ALA B 201 -2.90 -17.89 -7.53
N PHE B 202 -2.39 -17.61 -8.70
CA PHE B 202 -2.57 -18.44 -9.84
C PHE B 202 -1.20 -18.79 -10.36
N LEU B 203 -0.98 -20.08 -10.58
CA LEU B 203 0.25 -20.56 -11.21
C LEU B 203 -0.07 -20.70 -12.68
N ILE B 204 0.45 -19.78 -13.49
CA ILE B 204 0.15 -19.71 -14.93
C ILE B 204 1.44 -19.90 -15.74
N PRO B 205 1.33 -20.42 -16.97
CA PRO B 205 2.44 -20.35 -17.95
C PRO B 205 2.89 -18.92 -18.15
N TRP B 206 4.19 -18.68 -18.24
CA TRP B 206 4.74 -17.33 -18.29
C TRP B 206 4.16 -16.55 -19.47
N GLU B 207 3.95 -17.25 -20.56
CA GLU B 207 3.34 -16.70 -21.78
C GLU B 207 1.96 -16.03 -21.58
N ASN B 208 1.14 -16.61 -20.72
CA ASN B 208 -0.24 -16.20 -20.49
C ASN B 208 -0.45 -14.89 -19.70
N GLU B 209 0.59 -14.15 -19.32
CA GLU B 209 0.36 -13.04 -18.41
C GLU B 209 -0.60 -12.03 -19.05
N SER B 210 -0.32 -11.65 -20.30
CA SER B 210 -1.14 -10.68 -21.03
C SER B 210 -2.56 -11.08 -21.23
N ILE B 211 -2.79 -12.35 -21.46
CA ILE B 211 -4.15 -12.80 -21.71
C ILE B 211 -4.89 -12.77 -20.40
N PHE B 212 -4.21 -13.26 -19.35
CA PHE B 212 -4.74 -13.35 -18.01
C PHE B 212 -5.10 -11.94 -17.51
N SER B 213 -4.18 -11.03 -17.70
CA SER B 213 -4.37 -9.65 -17.36
C SER B 213 -5.64 -9.07 -18.01
N GLN B 214 -5.85 -9.41 -19.27
CA GLN B 214 -7.05 -8.96 -20.00
C GLN B 214 -8.30 -9.57 -19.44
N GLN B 215 -8.28 -10.89 -19.15
CA GLN B 215 -9.49 -11.59 -18.69
C GLN B 215 -9.97 -11.08 -17.37
N VAL B 216 -9.03 -10.70 -16.53
CA VAL B 216 -9.34 -10.02 -15.29
C VAL B 216 -10.07 -8.69 -15.58
N GLU B 217 -9.54 -7.90 -16.50
CA GLU B 217 -10.16 -6.63 -16.89
C GLU B 217 -11.63 -6.85 -17.42
N SER B 218 -11.82 -7.75 -18.38
CA SER B 218 -13.19 -8.15 -18.87
C SER B 218 -14.16 -8.64 -17.83
N ILE B 219 -13.71 -9.50 -16.93
CA ILE B 219 -14.61 -10.07 -15.96
C ILE B 219 -15.10 -8.94 -15.08
N ASP B 220 -14.17 -8.11 -14.63
CA ASP B 220 -14.52 -6.96 -13.81
C ASP B 220 -15.55 -6.02 -14.50
N HIS B 221 -15.42 -5.78 -15.80
CA HIS B 221 -16.42 -5.01 -16.57
C HIS B 221 -17.83 -5.53 -16.43
N LYS B 222 -17.97 -6.85 -16.31
CA LYS B 222 -19.27 -7.47 -15.96
C LYS B 222 -19.93 -6.93 -14.68
N PHE B 223 -19.16 -6.34 -13.75
CA PHE B 223 -19.71 -5.92 -12.45
C PHE B 223 -19.82 -4.42 -12.30
N ASP B 224 -19.75 -3.71 -13.43
CA ASP B 224 -20.01 -2.27 -13.45
C ASP B 224 -18.96 -1.67 -12.56
N GLU B 225 -19.34 -0.81 -11.63
CA GLU B 225 -18.35 -0.11 -10.86
C GLU B 225 -18.38 -0.71 -9.44
N ARG B 226 -18.78 -1.98 -9.29
CA ARG B 226 -18.96 -2.54 -7.95
C ARG B 226 -17.67 -2.95 -7.26
N LEU B 227 -16.66 -3.38 -8.02
CA LEU B 227 -15.46 -3.99 -7.45
C LEU B 227 -14.23 -3.12 -7.66
N ARG B 228 -13.25 -3.32 -6.79
CA ARG B 228 -11.89 -2.86 -7.02
C ARG B 228 -10.99 -4.04 -7.00
N ILE B 229 -10.07 -4.04 -7.94
CA ILE B 229 -9.22 -5.17 -8.18
C ILE B 229 -7.77 -4.76 -8.17
N ARG B 230 -6.92 -5.53 -7.47
CA ARG B 230 -5.51 -5.39 -7.57
C ARG B 230 -5.00 -6.69 -8.15
N TYR B 231 -4.48 -6.60 -9.36
CA TYR B 231 -3.74 -7.65 -10.03
C TYR B 231 -2.23 -7.39 -9.93
N ASN B 232 -1.48 -8.37 -9.43
CA ASN B 232 -0.01 -8.33 -9.36
C ASN B 232 0.61 -9.41 -10.26
N ASN B 233 1.30 -8.98 -11.31
CA ASN B 233 1.82 -9.92 -12.32
C ASN B 233 3.30 -10.29 -12.15
N PHE B 234 3.92 -9.80 -11.11
CA PHE B 234 5.32 -10.07 -10.90
C PHE B 234 5.62 -10.18 -9.41
N THR B 235 5.96 -11.39 -9.01
CA THR B 235 6.37 -11.69 -7.66
C THR B 235 7.19 -12.98 -7.70
N ALA B 236 8.14 -13.07 -6.78
CA ALA B 236 8.69 -14.36 -6.46
C ALA B 236 7.50 -15.21 -6.02
N PRO B 237 7.52 -16.50 -6.42
CA PRO B 237 6.37 -17.34 -6.22
C PRO B 237 6.31 -17.94 -4.80
N TYR B 238 5.95 -17.11 -3.85
CA TYR B 238 5.83 -17.52 -2.43
C TYR B 238 4.80 -18.58 -2.15
N THR B 239 3.74 -18.61 -2.93
CA THR B 239 2.60 -19.46 -2.62
C THR B 239 2.84 -20.81 -3.20
N PHE B 240 3.37 -20.87 -4.42
CA PHE B 240 3.57 -22.14 -5.09
C PHE B 240 4.92 -22.82 -4.83
N ALA B 241 5.95 -22.07 -4.48
CA ALA B 241 7.27 -22.64 -4.32
C ALA B 241 7.40 -23.02 -2.86
N GLN B 242 6.85 -24.16 -2.49
CA GLN B 242 6.90 -24.60 -1.10
C GLN B 242 7.24 -26.03 -1.04
N ILE B 243 8.05 -26.37 -0.03
CA ILE B 243 8.44 -27.76 0.21
C ILE B 243 7.76 -28.14 1.51
N SER B 244 6.95 -29.19 1.43
CA SER B 244 6.12 -29.73 2.52
C SER B 244 6.76 -30.98 3.22
N HIS B 245 7.00 -30.89 4.53
CA HIS B 245 7.46 -32.00 5.38
C HIS B 245 8.92 -32.37 5.01
#